data_3DIG
#
_entry.id   3DIG
#
_cell.length_a   54.441
_cell.length_b   78.941
_cell.length_c   142.855
_cell.angle_alpha   90.00
_cell.angle_beta   90.00
_cell.angle_gamma   90.00
#
_symmetry.space_group_name_H-M   'P 21 21 21'
#
loop_
_entity.id
_entity.type
_entity.pdbx_description
1 polymer 'RNA (174-MER)'
2 non-polymer 'POTASSIUM ION'
3 non-polymer 'SODIUM ION'
4 non-polymer L-THIALYSINE
5 non-polymer 'ISOPROPYL ALCOHOL'
6 water water
#
_entity_poly.entity_id   1
_entity_poly.type   'polyribonucleotide'
_entity_poly.pdbx_seq_one_letter_code
;GGCCGACGGAGGCGCGCCCGAGAUGAGUAGGCUGUCCCAUCAGGGGAGGAAUCGGGGACGGCUGAAAGGCGAGGGCGCCG
AAGGGUGCAGAGUUCCUCCCGCUCUGCAUGCCUGGGGGUAUGGGGAAUACCCAUACCACUGUCACGGAGGUCUCUCCGUG
GAGAGCCGUCGGU(CCC)
;
_entity_poly.pdbx_strand_id   X
#
loop_
_chem_comp.id
_chem_comp.type
_chem_comp.name
_chem_comp.formula
A RNA linking ADENOSINE-5'-MONOPHOSPHATE 'C10 H14 N5 O7 P'
C RNA linking CYTIDINE-5'-MONOPHOSPHATE 'C9 H14 N3 O8 P'
CCC RNA linking 'CYTIDINE-5'-PHOSPHATE-2',3'-CYCLIC PHOSPHATE' 'C9 H13 N3 O10 P2'
G RNA linking GUANOSINE-5'-MONOPHOSPHATE 'C10 H14 N5 O8 P'
IPA non-polymer 'ISOPROPYL ALCOHOL' 'C3 H8 O'
K non-polymer 'POTASSIUM ION' 'K 1'
NA non-polymer 'SODIUM ION' 'Na 1'
U RNA linking URIDINE-5'-MONOPHOSPHATE 'C9 H13 N2 O9 P'
#
# COMPACT_ATOMS: atom_id res chain seq x y z
PC CCC A 174 13.77 20.29 -7.40
O1C CCC A 174 14.66 21.46 -7.00
O2C CCC A 174 12.39 20.38 -6.76
P CCC A 174 14.17 16.58 -13.51
OP1 CCC A 174 13.86 17.88 -14.23
OP2 CCC A 174 15.45 15.86 -13.87
O5' CCC A 174 14.21 16.84 -11.92
C5' CCC A 174 14.18 18.16 -11.38
C4' CCC A 174 13.08 18.19 -10.33
O4' CCC A 174 12.91 16.89 -9.75
C3' CCC A 174 13.42 19.00 -9.11
O3' CCC A 174 12.85 20.15 -8.55
C2' CCC A 174 14.25 18.13 -8.24
O2' CCC A 174 14.23 18.77 -6.96
C1' CCC A 174 13.44 16.85 -8.40
N1 CCC A 174 14.37 15.70 -8.21
C2 CCC A 174 14.60 15.18 -6.92
O2 CCC A 174 14.03 15.67 -5.91
N3 CCC A 174 15.45 14.13 -6.75
C4 CCC A 174 16.09 13.59 -7.82
N4 CCC A 174 16.94 12.54 -7.66
C5 CCC A 174 15.88 14.09 -9.10
C6 CCC A 174 15.00 15.17 -9.27
K K B . -4.20 -12.14 10.04
NA NA C . -23.07 -23.32 0.70
NA NA D . -27.14 -19.39 -5.16
NA NA E . -32.86 -24.97 1.47
NA NA F . -21.48 -16.23 17.75
NA NA G . 1.40 -16.82 3.82
NA NA H . -13.40 -18.80 9.68
NA NA I . -15.64 -13.85 9.38
NA NA J . -18.53 -17.04 16.31
NA NA K . 0.99 -8.32 -6.21
NA NA L . 1.38 -5.29 -2.28
NA NA M . -15.11 -8.57 8.31
NA NA N . -31.41 -10.34 14.39
NA NA O . -22.05 -11.28 -0.24
NA NA P . -22.95 -16.07 -1.94
N SLZ Q . -3.40 -6.78 7.76
CA SLZ Q . -4.12 -8.06 7.50
CB SLZ Q . -4.17 -8.34 6.01
SG SLZ Q . -5.28 -7.20 5.26
CD SLZ Q . -4.87 -7.38 3.57
CE SLZ Q . -5.85 -6.55 2.73
NZ SLZ Q . -5.59 -5.14 2.95
C SLZ Q . -3.53 -9.20 8.28
O SLZ Q . -2.90 -9.00 9.32
OXT SLZ Q . -3.65 -10.38 7.94
C1 IPA R . -10.09 -23.28 16.60
C2 IPA R . -10.13 -22.82 18.08
C3 IPA R . -11.21 -23.55 18.90
O2 IPA R . -10.38 -21.41 18.15
#